data_7K5N
#
_entry.id   7K5N
#
_cell.length_a   86.188
_cell.length_b   86.188
_cell.length_c   75.078
_cell.angle_alpha   90.000
_cell.angle_beta   90.000
_cell.angle_gamma   90.000
#
_symmetry.space_group_name_H-M   'P 41 2 2'
#
loop_
_entity.id
_entity.type
_entity.pdbx_description
1 polymer 'Sensor domain-containing diguanylate cyclase'
2 non-polymer PROLINE
3 non-polymer GLYCEROL
4 water water
#
_entity_poly.entity_id   1
_entity_poly.type   'polypeptide(L)'
_entity_poly.pdbx_seq_one_letter_code
;MGHHHHHHDYDIPTTENLYFQGSMERSLQRELQQRLLATNHQLRHVFIEPYLNEMERQFSLIYDQIKVEDISGPRLRNTD
SYLREWRLYKGVMADLIYIYVGTAERQMLIYPEWQADADFDPRVRPWYQLASQHVGKMVWTEPYYDYTNGTLVIALARAI
TDKEGKVRGVFAVDAILAPFSAQLNRQWNSGYQMIVNQSGKVLAHPDPSQLLKPMTHPTWLSRFSGEDGIFLDQASRQFV
AYSRLPDHNWVLISVLPASSIQAVVASASLN
;
_entity_poly.pdbx_strand_id   A
#
# COMPACT_ATOMS: atom_id res chain seq x y z
N GLU A 25 -15.55 -28.49 25.38
CA GLU A 25 -14.33 -29.29 25.31
C GLU A 25 -13.31 -28.72 24.29
N ARG A 26 -13.05 -29.47 23.23
CA ARG A 26 -12.19 -29.00 22.15
C ARG A 26 -12.98 -28.49 20.96
N SER A 27 -14.29 -28.76 20.91
CA SER A 27 -15.13 -28.15 19.88
C SER A 27 -15.22 -26.63 20.04
N LEU A 28 -14.76 -26.09 21.18
CA LEU A 28 -14.61 -24.65 21.31
C LEU A 28 -13.64 -24.13 20.25
N GLN A 29 -12.50 -24.79 20.10
CA GLN A 29 -11.57 -24.40 19.04
C GLN A 29 -12.15 -24.64 17.66
N ARG A 30 -13.15 -25.50 17.54
CA ARG A 30 -13.85 -25.66 16.26
C ARG A 30 -14.61 -24.39 15.90
N GLU A 31 -15.66 -24.04 16.66
CA GLU A 31 -16.45 -22.86 16.32
C GLU A 31 -15.57 -21.62 16.26
N LEU A 32 -14.48 -21.62 17.03
CA LEU A 32 -13.63 -20.44 17.12
C LEU A 32 -12.86 -20.22 15.83
N GLN A 33 -12.32 -21.29 15.27
CA GLN A 33 -11.60 -21.13 14.02
C GLN A 33 -12.56 -20.76 12.89
N GLN A 34 -13.72 -21.41 12.85
CA GLN A 34 -14.63 -21.08 11.77
C GLN A 34 -15.16 -19.66 11.91
N ARG A 35 -15.27 -19.14 13.15
CA ARG A 35 -15.67 -17.75 13.30
C ARG A 35 -14.52 -16.79 12.90
N LEU A 36 -13.30 -17.09 13.33
CA LEU A 36 -12.14 -16.28 12.98
C LEU A 36 -11.93 -16.27 11.48
N LEU A 37 -12.21 -17.38 10.81
CA LEU A 37 -12.13 -17.40 9.37
C LEU A 37 -13.26 -16.63 8.74
N ALA A 38 -14.47 -16.69 9.32
CA ALA A 38 -15.60 -15.98 8.73
C ALA A 38 -15.39 -14.48 8.85
N THR A 39 -14.85 -14.02 9.98
CA THR A 39 -14.60 -12.61 10.17
C THR A 39 -13.53 -12.11 9.20
N ASN A 40 -12.53 -12.96 8.94
CA ASN A 40 -11.47 -12.62 7.99
C ASN A 40 -12.03 -12.45 6.58
N HIS A 41 -12.88 -13.39 6.12
CA HIS A 41 -13.53 -13.22 4.80
C HIS A 41 -14.39 -11.97 4.74
N GLN A 42 -15.18 -11.73 5.79
CA GLN A 42 -16.09 -10.59 5.76
C GLN A 42 -15.29 -9.29 5.78
N LEU A 43 -14.24 -9.22 6.60
CA LEU A 43 -13.41 -8.01 6.62
C LEU A 43 -12.75 -7.79 5.26
N ARG A 44 -12.26 -8.87 4.65
CA ARG A 44 -11.62 -8.72 3.35
C ARG A 44 -12.61 -8.24 2.31
N HIS A 45 -13.81 -8.78 2.34
CA HIS A 45 -14.77 -8.60 1.26
C HIS A 45 -15.48 -7.27 1.32
N VAL A 46 -15.78 -6.77 2.52
CA VAL A 46 -16.63 -5.59 2.64
C VAL A 46 -15.88 -4.35 3.13
N PHE A 47 -14.72 -4.52 3.80
CA PHE A 47 -13.87 -3.39 4.19
C PHE A 47 -12.61 -3.27 3.35
N ILE A 48 -11.73 -4.27 3.36
CA ILE A 48 -10.39 -4.10 2.79
C ILE A 48 -10.47 -3.84 1.28
N GLU A 49 -11.22 -4.69 0.55
CA GLU A 49 -11.28 -4.55 -0.89
C GLU A 49 -11.96 -3.25 -1.31
N PRO A 50 -13.02 -2.81 -0.61
CA PRO A 50 -13.61 -1.50 -0.97
C PRO A 50 -12.73 -0.32 -0.59
N TYR A 51 -11.96 -0.44 0.49
CA TYR A 51 -11.06 0.64 0.90
C TYR A 51 -9.96 0.82 -0.14
N LEU A 52 -9.32 -0.28 -0.53
CA LEU A 52 -8.26 -0.22 -1.53
C LEU A 52 -8.81 0.23 -2.85
N ASN A 53 -9.95 -0.31 -3.23
CA ASN A 53 -10.53 0.07 -4.50
C ASN A 53 -10.80 1.57 -4.57
N GLU A 54 -11.25 2.18 -3.47
CA GLU A 54 -11.55 3.60 -3.57
C GLU A 54 -10.26 4.41 -3.64
N MET A 55 -9.27 4.01 -2.83
CA MET A 55 -7.99 4.67 -2.83
C MET A 55 -7.37 4.64 -4.23
N GLU A 56 -7.40 3.47 -4.89
CA GLU A 56 -6.89 3.37 -6.25
C GLU A 56 -7.76 4.09 -7.26
N ARG A 57 -9.09 4.14 -7.05
CA ARG A 57 -9.91 4.99 -7.90
C ARG A 57 -9.55 6.48 -7.72
N GLN A 58 -9.37 6.91 -6.47
CA GLN A 58 -8.99 8.29 -6.23
C GLN A 58 -7.62 8.58 -6.83
N PHE A 59 -6.70 7.62 -6.73
CA PHE A 59 -5.40 7.74 -7.38
C PHE A 59 -5.58 8.01 -8.88
N SER A 60 -6.42 7.22 -9.55
CA SER A 60 -6.60 7.39 -11.00
C SER A 60 -7.29 8.70 -11.35
N LEU A 61 -8.19 9.17 -10.51
CA LEU A 61 -8.80 10.46 -10.76
C LEU A 61 -7.78 11.59 -10.69
N ILE A 62 -6.86 11.52 -9.73
CA ILE A 62 -5.82 12.53 -9.62
C ILE A 62 -4.87 12.42 -10.82
N TYR A 63 -4.50 11.18 -11.14
CA TYR A 63 -3.60 10.93 -12.26
C TYR A 63 -4.17 11.46 -13.57
N ASP A 64 -5.46 11.22 -13.83
CA ASP A 64 -6.05 11.65 -15.10
C ASP A 64 -6.07 13.18 -15.24
N GLN A 65 -5.95 13.91 -14.15
CA GLN A 65 -5.91 15.37 -14.28
C GLN A 65 -4.57 15.89 -14.79
N ILE A 66 -3.62 15.00 -15.09
CA ILE A 66 -2.24 15.36 -15.42
C ILE A 66 -2.10 15.32 -16.93
N LYS A 67 -1.68 16.45 -17.49
CA LYS A 67 -1.51 16.61 -18.92
C LYS A 67 -0.05 16.43 -19.26
N VAL A 68 0.26 15.53 -20.20
CA VAL A 68 1.65 15.23 -20.50
C VAL A 68 2.40 16.52 -20.85
N GLU A 69 1.75 17.41 -21.60
CA GLU A 69 2.45 18.60 -22.08
C GLU A 69 3.02 19.40 -20.92
N ASP A 70 2.31 19.44 -19.77
CA ASP A 70 2.84 20.16 -18.63
C ASP A 70 4.14 19.56 -18.08
N ILE A 71 4.54 18.36 -18.53
CA ILE A 71 5.63 17.65 -17.86
C ILE A 71 6.58 16.94 -18.80
N SER A 72 6.34 16.99 -20.11
CA SER A 72 7.30 16.41 -21.03
C SER A 72 8.30 17.45 -21.53
N GLY A 73 8.38 18.61 -20.87
CA GLY A 73 9.25 19.68 -21.32
C GLY A 73 10.24 20.12 -20.26
N PRO A 74 11.29 20.84 -20.69
CA PRO A 74 12.41 21.13 -19.76
C PRO A 74 11.93 21.73 -18.45
N ARG A 75 11.01 22.68 -18.50
CA ARG A 75 10.40 23.27 -17.34
C ARG A 75 8.96 22.77 -17.17
N LEU A 76 8.48 22.85 -15.95
CA LEU A 76 7.12 22.45 -15.66
C LEU A 76 6.20 23.66 -15.77
N ARG A 77 5.04 23.45 -16.37
CA ARG A 77 4.06 24.52 -16.47
C ARG A 77 2.85 24.23 -15.59
N ASN A 78 2.17 25.31 -15.21
CA ASN A 78 0.94 25.22 -14.43
C ASN A 78 1.14 24.47 -13.13
N THR A 79 2.36 24.51 -12.59
CA THR A 79 2.60 23.79 -11.33
C THR A 79 1.74 24.34 -10.20
N ASP A 80 1.63 25.67 -10.08
CA ASP A 80 0.75 26.24 -9.06
C ASP A 80 -0.62 25.54 -9.04
N SER A 81 -1.06 25.00 -10.18
CA SER A 81 -2.37 24.34 -10.23
C SER A 81 -2.34 22.96 -9.56
N TYR A 82 -1.40 22.11 -9.97
CA TYR A 82 -1.29 20.77 -9.38
C TYR A 82 -0.98 20.80 -7.89
N LEU A 83 -0.12 21.72 -7.43
CA LEU A 83 0.14 21.77 -6.00
C LEU A 83 -1.10 22.24 -5.24
N ARG A 84 -1.89 23.13 -5.85
CA ARG A 84 -3.18 23.49 -5.27
C ARG A 84 -4.09 22.26 -5.18
N GLU A 85 -4.12 21.45 -6.23
CA GLU A 85 -4.92 20.21 -6.24
C GLU A 85 -4.43 19.25 -5.18
N TRP A 86 -3.14 18.89 -5.25
CA TRP A 86 -2.58 17.84 -4.40
C TRP A 86 -2.74 18.17 -2.92
N ARG A 87 -2.52 19.43 -2.53
CA ARG A 87 -2.74 19.76 -1.12
C ARG A 87 -4.13 19.35 -0.69
N LEU A 88 -5.11 19.62 -1.55
CA LEU A 88 -6.50 19.31 -1.26
C LEU A 88 -6.73 17.81 -1.15
N TYR A 89 -6.18 17.03 -2.09
CA TYR A 89 -6.31 15.58 -2.09
C TYR A 89 -5.67 14.95 -0.86
N LYS A 90 -4.43 15.33 -0.57
CA LYS A 90 -3.78 14.84 0.63
C LYS A 90 -4.63 15.12 1.86
N GLY A 91 -5.28 16.29 1.89
CA GLY A 91 -6.17 16.62 3.00
C GLY A 91 -7.31 15.63 3.21
N VAL A 92 -7.58 14.75 2.25
CA VAL A 92 -8.67 13.80 2.49
C VAL A 92 -8.27 12.34 2.23
N MET A 93 -7.04 12.12 1.77
CA MET A 93 -6.45 10.77 1.68
C MET A 93 -5.42 10.61 2.80
N ALA A 94 -5.89 10.21 3.97
CA ALA A 94 -5.05 10.31 5.14
C ALA A 94 -3.84 9.37 5.13
N ASP A 95 -3.83 8.32 4.29
CA ASP A 95 -2.68 7.45 4.22
C ASP A 95 -1.53 8.06 3.43
N LEU A 96 -1.73 9.20 2.75
CA LEU A 96 -0.67 9.72 1.88
C LEU A 96 0.32 10.61 2.61
N ILE A 97 1.56 10.44 2.23
CA ILE A 97 2.68 11.24 2.74
C ILE A 97 3.14 12.31 1.74
N TYR A 98 3.35 11.90 0.48
CA TYR A 98 3.63 12.83 -0.63
C TYR A 98 2.81 12.47 -1.88
N ILE A 99 2.48 13.49 -2.66
CA ILE A 99 1.96 13.32 -4.01
C ILE A 99 2.96 14.01 -4.92
N TYR A 100 3.38 13.33 -5.99
CA TYR A 100 4.43 13.89 -6.83
C TYR A 100 4.36 13.36 -8.24
N VAL A 101 5.09 14.04 -9.13
CA VAL A 101 5.44 13.57 -10.46
C VAL A 101 6.93 13.81 -10.66
N GLY A 102 7.65 12.74 -11.03
CA GLY A 102 8.96 12.87 -11.63
C GLY A 102 8.90 12.75 -13.14
N THR A 103 9.80 13.45 -13.86
CA THR A 103 9.77 13.41 -15.31
C THR A 103 11.05 12.82 -15.89
N ALA A 104 10.92 12.26 -17.09
CA ALA A 104 12.09 11.81 -17.82
C ALA A 104 13.05 12.96 -18.10
N GLU A 105 12.59 14.22 -18.01
CA GLU A 105 13.44 15.40 -17.95
C GLU A 105 13.94 15.70 -16.53
N ARG A 106 13.94 14.71 -15.63
CA ARG A 106 14.46 14.81 -14.28
C ARG A 106 13.83 15.94 -13.48
N GLN A 107 12.71 16.47 -13.94
CA GLN A 107 11.96 17.38 -13.09
C GLN A 107 11.25 16.58 -11.99
N MET A 108 10.82 17.30 -10.95
CA MET A 108 10.18 16.71 -9.78
C MET A 108 9.22 17.77 -9.24
N LEU A 109 7.92 17.46 -9.23
CA LEU A 109 6.94 18.33 -8.61
C LEU A 109 6.28 17.53 -7.50
N ILE A 110 6.06 18.15 -6.34
CA ILE A 110 5.75 17.38 -5.13
C ILE A 110 5.01 18.26 -4.13
N TYR A 111 3.96 17.68 -3.54
CA TYR A 111 3.33 18.25 -2.35
C TYR A 111 3.28 17.14 -1.31
N PRO A 112 3.54 17.45 -0.03
CA PRO A 112 4.04 18.76 0.42
C PRO A 112 5.51 18.97 0.10
N GLU A 113 6.08 20.03 0.66
CA GLU A 113 7.47 20.40 0.40
C GLU A 113 8.41 19.24 0.62
N TRP A 114 9.16 18.88 -0.43
CA TRP A 114 10.22 17.86 -0.40
C TRP A 114 11.47 18.34 -1.14
N GLN A 115 12.61 18.32 -0.46
CA GLN A 115 13.88 18.70 -1.08
C GLN A 115 14.72 17.47 -1.40
N ALA A 116 15.45 17.52 -2.51
CA ALA A 116 16.47 16.54 -2.82
C ALA A 116 17.71 17.21 -3.40
N ASP A 117 18.81 16.44 -3.41
CA ASP A 117 20.06 16.75 -4.09
C ASP A 117 19.84 17.15 -5.53
N ALA A 118 20.93 17.65 -6.16
CA ALA A 118 21.03 17.74 -7.61
C ALA A 118 21.52 16.44 -8.23
N ASP A 119 22.10 15.53 -7.44
CA ASP A 119 22.30 14.14 -7.89
C ASP A 119 21.03 13.30 -7.85
N PHE A 120 19.89 13.87 -7.50
CA PHE A 120 18.66 13.07 -7.48
C PHE A 120 18.18 12.90 -8.92
N ASP A 121 18.02 11.64 -9.35
CA ASP A 121 17.39 11.29 -10.62
C ASP A 121 16.08 10.53 -10.39
N PRO A 122 14.90 11.14 -10.54
CA PRO A 122 13.66 10.36 -10.32
C PRO A 122 13.65 9.08 -11.12
N ARG A 123 14.17 9.12 -12.35
CA ARG A 123 14.01 8.01 -13.27
C ARG A 123 14.57 6.72 -12.73
N VAL A 124 15.49 6.79 -11.77
CA VAL A 124 16.12 5.58 -11.24
C VAL A 124 15.43 5.04 -9.99
N ARG A 125 14.43 5.73 -9.51
CA ARG A 125 13.81 5.33 -8.26
C ARG A 125 12.79 4.23 -8.47
N PRO A 126 12.51 3.44 -7.42
CA PRO A 126 11.72 2.21 -7.63
C PRO A 126 10.32 2.45 -8.12
N TRP A 127 9.66 3.52 -7.65
CA TRP A 127 8.35 3.83 -8.17
C TRP A 127 8.45 4.18 -9.65
N TYR A 128 9.45 4.98 -10.04
CA TYR A 128 9.60 5.30 -11.46
C TYR A 128 9.82 4.04 -12.27
N GLN A 129 10.69 3.15 -11.78
CA GLN A 129 11.05 1.97 -12.55
C GLN A 129 9.89 1.00 -12.66
N LEU A 130 9.22 0.72 -11.52
CA LEU A 130 8.12 -0.23 -11.59
C LEU A 130 7.02 0.32 -12.49
N ALA A 131 6.74 1.63 -12.40
CA ALA A 131 5.68 2.18 -13.22
C ALA A 131 6.05 2.13 -14.71
N SER A 132 7.32 2.37 -15.02
CA SER A 132 7.73 2.34 -16.42
C SER A 132 7.59 0.94 -17.01
N GLN A 133 7.83 -0.12 -16.25
CA GLN A 133 7.72 -1.44 -16.83
C GLN A 133 6.33 -2.07 -16.69
N HIS A 134 5.29 -1.25 -16.44
CA HIS A 134 3.91 -1.71 -16.45
C HIS A 134 3.01 -0.60 -16.95
N VAL A 135 3.43 0.08 -18.00
CA VAL A 135 2.70 1.22 -18.55
C VAL A 135 1.21 0.88 -18.65
N GLY A 136 0.36 1.90 -18.53
CA GLY A 136 -1.07 1.71 -18.61
C GLY A 136 -1.72 1.17 -17.36
N LYS A 137 -0.95 0.86 -16.32
CA LYS A 137 -1.54 0.41 -15.08
C LYS A 137 -0.80 0.99 -13.90
N MET A 138 -1.45 0.95 -12.74
CA MET A 138 -0.84 1.36 -11.50
C MET A 138 -0.18 0.16 -10.85
N VAL A 139 0.76 0.44 -9.96
CA VAL A 139 1.56 -0.61 -9.35
C VAL A 139 2.06 -0.11 -7.99
N TRP A 140 2.16 -1.05 -7.05
CA TRP A 140 2.62 -0.79 -5.70
C TRP A 140 4.05 -1.31 -5.60
N THR A 141 4.95 -0.50 -5.04
CA THR A 141 6.32 -0.94 -4.87
C THR A 141 6.46 -1.74 -3.59
N GLU A 142 7.56 -2.46 -3.48
CA GLU A 142 8.00 -2.93 -2.16
C GLU A 142 8.33 -1.71 -1.31
N PRO A 143 8.41 -1.88 0.03
CA PRO A 143 8.89 -0.76 0.87
C PRO A 143 10.33 -0.42 0.53
N TYR A 144 10.61 0.88 0.54
CA TYR A 144 11.89 1.45 0.14
C TYR A 144 12.11 2.73 0.94
N TYR A 145 13.35 3.21 0.94
CA TYR A 145 13.73 4.32 1.78
C TYR A 145 13.74 5.63 1.01
N ASP A 146 13.17 6.66 1.62
CA ASP A 146 13.11 7.96 0.99
C ASP A 146 14.54 8.42 0.68
N TYR A 147 14.72 8.99 -0.50
CA TYR A 147 16.05 9.34 -0.98
C TYR A 147 16.74 10.32 -0.06
N THR A 148 15.97 11.23 0.50
CA THR A 148 16.53 12.32 1.28
C THR A 148 16.54 12.03 2.78
N ASN A 149 15.43 11.66 3.40
CA ASN A 149 15.52 11.51 4.85
C ASN A 149 15.48 10.07 5.33
N GLY A 150 15.39 9.09 4.43
CA GLY A 150 15.70 7.73 4.75
C GLY A 150 14.51 6.93 5.24
N THR A 151 13.36 7.58 5.35
CA THR A 151 12.17 7.01 5.95
C THR A 151 11.60 5.89 5.10
N LEU A 152 11.13 4.85 5.76
CA LEU A 152 10.49 3.74 5.10
C LEU A 152 9.14 4.16 4.56
N VAL A 153 8.89 3.89 3.29
CA VAL A 153 7.61 4.23 2.70
C VAL A 153 7.30 3.19 1.63
N ILE A 154 6.10 3.31 1.09
CA ILE A 154 5.66 2.49 -0.01
C ILE A 154 4.96 3.42 -0.96
N ALA A 155 5.08 3.12 -2.25
CA ALA A 155 4.55 3.98 -3.30
C ALA A 155 3.58 3.21 -4.18
N LEU A 156 2.54 3.93 -4.59
CA LEU A 156 1.67 3.57 -5.69
C LEU A 156 2.01 4.48 -6.85
N ALA A 157 2.21 3.91 -8.02
CA ALA A 157 2.76 4.69 -9.14
C ALA A 157 2.17 4.29 -10.48
N ARG A 158 2.09 5.28 -11.39
CA ARG A 158 1.68 5.03 -12.76
C ARG A 158 2.44 5.93 -13.75
N ALA A 159 2.86 5.32 -14.86
CA ALA A 159 3.58 6.06 -15.90
C ALA A 159 2.67 6.97 -16.71
N ILE A 160 3.16 8.19 -16.96
CA ILE A 160 2.54 9.14 -17.88
C ILE A 160 3.19 8.98 -19.25
N THR A 161 2.36 8.90 -20.31
CA THR A 161 2.82 8.56 -21.65
C THR A 161 2.20 9.49 -22.68
N ASP A 162 2.71 9.43 -23.95
CA ASP A 162 2.36 10.43 -24.95
C ASP A 162 1.99 9.86 -26.33
N LYS A 163 2.66 8.82 -26.80
CA LYS A 163 2.48 8.41 -28.20
C LYS A 163 2.79 6.93 -28.38
N GLU A 164 3.93 6.61 -28.97
CA GLU A 164 4.29 5.21 -29.23
C GLU A 164 4.95 4.56 -28.01
N GLY A 165 4.54 4.98 -26.80
CA GLY A 165 5.14 4.48 -25.58
C GLY A 165 6.26 5.34 -25.03
N LYS A 166 6.21 6.65 -25.30
CA LYS A 166 7.20 7.55 -24.70
C LYS A 166 6.72 7.87 -23.29
N VAL A 167 7.50 7.44 -22.30
CA VAL A 167 7.17 7.66 -20.91
C VAL A 167 7.67 9.05 -20.54
N ARG A 168 6.80 10.06 -20.61
CA ARG A 168 7.20 11.42 -20.32
C ARG A 168 7.42 11.64 -18.83
N GLY A 169 6.77 10.85 -17.97
CA GLY A 169 6.87 11.05 -16.54
C GLY A 169 6.18 9.92 -15.79
N VAL A 170 6.29 9.97 -14.46
CA VAL A 170 5.64 8.97 -13.62
C VAL A 170 5.00 9.63 -12.42
N PHE A 171 3.72 9.35 -12.24
CA PHE A 171 2.94 9.91 -11.17
C PHE A 171 2.87 8.86 -10.07
N ALA A 172 2.99 9.31 -8.83
CA ALA A 172 3.07 8.39 -7.71
C ALA A 172 2.73 9.11 -6.42
N VAL A 173 2.35 8.31 -5.42
CA VAL A 173 2.12 8.81 -4.07
C VAL A 173 2.92 7.94 -3.12
N ASP A 174 3.58 8.57 -2.17
CA ASP A 174 4.13 7.85 -1.04
C ASP A 174 3.05 7.71 0.02
N ALA A 175 3.00 6.53 0.63
CA ALA A 175 1.98 6.20 1.64
C ALA A 175 2.55 5.42 2.81
N ILE A 176 1.90 5.59 3.97
CA ILE A 176 2.09 4.72 5.13
C ILE A 176 0.69 4.44 5.65
N LEU A 177 0.29 3.20 5.59
CA LEU A 177 -1.11 2.86 5.82
C LEU A 177 -1.51 2.81 7.28
N ALA A 178 -1.03 3.77 8.07
CA ALA A 178 -1.45 3.78 9.48
C ALA A 178 -2.91 4.10 9.67
N PRO A 179 -3.50 5.13 9.03
CA PRO A 179 -4.95 5.36 9.15
C PRO A 179 -5.76 4.14 8.73
N PHE A 180 -5.43 3.53 7.61
CA PHE A 180 -6.07 2.30 7.20
C PHE A 180 -5.97 1.24 8.28
N SER A 181 -4.77 1.03 8.79
CA SER A 181 -4.48 0.05 9.83
C SER A 181 -5.31 0.27 11.08
N ALA A 182 -5.44 1.53 11.51
CA ALA A 182 -6.27 1.83 12.68
C ALA A 182 -7.74 1.50 12.45
N GLN A 183 -8.26 1.80 11.25
CA GLN A 183 -9.66 1.48 10.99
C GLN A 183 -9.90 -0.03 10.90
N LEU A 184 -8.95 -0.74 10.28
CA LEU A 184 -8.99 -2.19 10.23
C LEU A 184 -9.08 -2.79 11.64
N ASN A 185 -8.30 -2.24 12.58
CA ASN A 185 -8.18 -2.83 13.91
C ASN A 185 -9.05 -2.16 14.96
N ARG A 186 -9.87 -1.19 14.57
CA ARG A 186 -10.63 -0.42 15.55
C ARG A 186 -11.45 -1.35 16.44
N GLN A 187 -12.30 -2.17 15.82
CA GLN A 187 -13.30 -2.96 16.57
C GLN A 187 -12.72 -4.19 17.25
N TRP A 188 -11.41 -4.42 17.12
CA TRP A 188 -10.74 -5.68 17.42
C TRP A 188 -9.95 -5.53 18.69
N ASN A 189 -10.58 -5.91 19.80
CA ASN A 189 -9.89 -6.25 21.04
C ASN A 189 -9.91 -7.77 21.13
N SER A 190 -8.89 -8.32 21.82
CA SER A 190 -8.56 -9.74 21.77
C SER A 190 -7.58 -9.98 20.60
N GLY A 191 -8.10 -10.00 19.37
CA GLY A 191 -7.27 -10.26 18.21
C GLY A 191 -6.78 -9.00 17.51
N TYR A 192 -6.13 -9.22 16.38
CA TYR A 192 -5.70 -8.12 15.54
C TYR A 192 -5.69 -8.60 14.11
N GLN A 193 -5.60 -7.61 13.21
CA GLN A 193 -5.69 -7.82 11.76
C GLN A 193 -4.44 -7.20 11.16
N MET A 194 -3.80 -7.91 10.24
CA MET A 194 -2.63 -7.37 9.53
C MET A 194 -2.69 -7.79 8.07
N ILE A 195 -1.96 -7.06 7.24
CA ILE A 195 -1.86 -7.36 5.82
C ILE A 195 -0.38 -7.45 5.52
N VAL A 196 0.02 -8.50 4.79
CA VAL A 196 1.42 -8.64 4.38
C VAL A 196 1.48 -8.66 2.86
N ASN A 197 2.68 -8.27 2.33
CA ASN A 197 2.90 -8.26 0.90
C ASN A 197 3.50 -9.60 0.46
N GLN A 198 3.82 -9.68 -0.83
CA GLN A 198 4.40 -10.89 -1.43
C GLN A 198 5.57 -11.46 -0.63
N SER A 199 6.32 -10.61 0.06
CA SER A 199 7.53 -11.03 0.73
C SER A 199 7.42 -10.87 2.24
N GLY A 200 6.20 -10.83 2.78
CA GLY A 200 6.06 -10.86 4.21
C GLY A 200 6.29 -9.54 4.89
N LYS A 201 6.53 -8.48 4.12
CA LYS A 201 6.60 -7.16 4.74
C LYS A 201 5.20 -6.71 5.13
N VAL A 202 5.13 -5.97 6.23
CA VAL A 202 3.85 -5.62 6.87
C VAL A 202 3.31 -4.34 6.23
N LEU A 203 2.18 -4.45 5.53
CA LEU A 203 1.53 -3.27 4.95
C LEU A 203 0.55 -2.61 5.90
N ALA A 204 -0.05 -3.39 6.79
CA ALA A 204 -1.06 -2.92 7.73
C ALA A 204 -0.98 -3.80 8.99
N HIS A 205 -1.14 -3.17 10.16
CA HIS A 205 -0.94 -3.72 11.48
C HIS A 205 -1.46 -2.79 12.57
N PRO A 206 -1.82 -3.29 13.75
CA PRO A 206 -2.32 -2.36 14.77
C PRO A 206 -1.26 -1.43 15.31
N ASP A 207 0.03 -1.84 15.27
CA ASP A 207 1.15 -1.08 15.81
C ASP A 207 1.87 -0.34 14.69
N PRO A 208 1.82 0.98 14.65
CA PRO A 208 2.51 1.74 13.58
C PRO A 208 3.98 1.44 13.46
N SER A 209 4.69 1.08 14.53
CA SER A 209 6.12 0.84 14.39
C SER A 209 6.46 -0.47 13.68
N GLN A 210 5.49 -1.36 13.46
CA GLN A 210 5.73 -2.56 12.65
C GLN A 210 5.45 -2.36 11.17
N LEU A 211 4.89 -1.22 10.76
CA LEU A 211 4.51 -1.07 9.35
C LEU A 211 5.77 -1.10 8.50
N LEU A 212 5.65 -1.70 7.31
CA LEU A 212 6.67 -1.76 6.26
C LEU A 212 7.92 -2.51 6.66
N LYS A 213 7.92 -3.19 7.78
CA LYS A 213 9.00 -4.01 8.24
C LYS A 213 8.62 -5.47 8.04
N PRO A 214 9.57 -6.40 8.16
CA PRO A 214 9.22 -7.81 7.99
C PRO A 214 8.28 -8.34 9.06
N MET A 215 7.37 -9.21 8.63
CA MET A 215 6.46 -9.82 9.59
C MET A 215 7.23 -10.61 10.65
N THR A 216 6.59 -10.73 11.81
CA THR A 216 7.18 -11.35 12.99
C THR A 216 7.29 -12.87 12.90
N HIS A 217 6.42 -13.51 12.15
CA HIS A 217 6.41 -14.96 11.99
C HIS A 217 6.53 -15.31 10.51
N PRO A 218 7.72 -15.20 9.95
CA PRO A 218 7.88 -15.44 8.51
C PRO A 218 7.46 -16.84 8.08
N THR A 219 7.51 -17.85 8.97
CA THR A 219 7.10 -19.16 8.52
C THR A 219 5.63 -19.19 8.08
N TRP A 220 4.82 -18.22 8.50
CA TRP A 220 3.42 -18.27 8.13
C TRP A 220 3.21 -18.17 6.63
N LEU A 221 4.14 -17.58 5.88
CA LEU A 221 3.92 -17.43 4.45
C LEU A 221 3.71 -18.78 3.74
N SER A 222 4.34 -19.85 4.25
CA SER A 222 4.24 -21.18 3.64
C SER A 222 2.97 -21.92 4.05
N ARG A 223 2.21 -21.37 4.97
CA ARG A 223 0.95 -21.95 5.40
C ARG A 223 -0.24 -21.29 4.75
N PHE A 224 -0.02 -20.17 4.06
CA PHE A 224 -1.09 -19.48 3.36
C PHE A 224 -1.51 -20.24 2.11
N SER A 225 -1.88 -21.49 2.29
CA SER A 225 -2.21 -22.33 1.15
C SER A 225 -3.53 -21.91 0.53
N GLY A 226 -3.50 -21.64 -0.76
CA GLY A 226 -4.71 -21.38 -1.50
C GLY A 226 -5.22 -19.98 -1.21
N GLU A 227 -6.48 -19.77 -1.55
CA GLU A 227 -7.07 -18.44 -1.42
C GLU A 227 -7.46 -18.07 0.00
N ASP A 228 -7.62 -19.04 0.91
CA ASP A 228 -7.92 -18.73 2.31
C ASP A 228 -7.80 -20.00 3.14
N GLY A 229 -7.80 -19.81 4.44
CA GLY A 229 -7.68 -20.95 5.34
C GLY A 229 -7.47 -20.50 6.76
N ILE A 230 -7.31 -21.47 7.62
CA ILE A 230 -7.06 -21.21 9.02
C ILE A 230 -6.10 -22.25 9.52
N PHE A 231 -5.27 -21.88 10.47
CA PHE A 231 -4.38 -22.83 11.11
C PHE A 231 -4.06 -22.31 12.50
N LEU A 232 -3.33 -23.12 13.24
CA LEU A 232 -2.96 -22.79 14.61
C LEU A 232 -1.45 -22.85 14.69
N ASP A 233 -0.84 -21.76 15.13
CA ASP A 233 0.60 -21.71 15.35
C ASP A 233 0.83 -22.25 16.76
N GLN A 234 1.17 -23.55 16.84
CA GLN A 234 1.50 -24.14 18.13
C GLN A 234 2.70 -23.46 18.79
N ALA A 235 3.54 -22.76 18.03
CA ALA A 235 4.73 -22.15 18.59
C ALA A 235 4.41 -20.88 19.38
N SER A 236 3.51 -20.04 18.85
CA SER A 236 3.11 -18.81 19.52
C SER A 236 1.70 -18.91 20.08
N ARG A 237 1.13 -20.12 20.12
CA ARG A 237 -0.25 -20.38 20.53
C ARG A 237 -1.16 -19.26 20.02
N GLN A 238 -1.30 -19.19 18.70
CA GLN A 238 -2.15 -18.22 18.04
C GLN A 238 -2.93 -18.95 16.96
N PHE A 239 -4.24 -18.73 16.93
CA PHE A 239 -5.02 -19.11 15.76
C PHE A 239 -4.80 -18.07 14.69
N VAL A 240 -4.66 -18.53 13.44
CA VAL A 240 -4.35 -17.65 12.33
C VAL A 240 -5.29 -17.97 11.17
N ALA A 241 -6.12 -17.01 10.82
CA ALA A 241 -6.89 -17.10 9.59
C ALA A 241 -6.20 -16.21 8.58
N TYR A 242 -6.30 -16.60 7.30
CA TYR A 242 -5.70 -15.84 6.22
C TYR A 242 -6.61 -15.90 5.01
N SER A 243 -6.63 -14.78 4.30
CA SER A 243 -7.35 -14.62 3.05
CA SER A 243 -7.35 -14.62 3.05
C SER A 243 -6.48 -13.83 2.09
N ARG A 244 -6.36 -14.29 0.84
CA ARG A 244 -5.55 -13.61 -0.17
C ARG A 244 -6.41 -12.55 -0.88
N LEU A 245 -5.83 -11.44 -1.14
CA LEU A 245 -6.56 -10.41 -1.86
C LEU A 245 -6.54 -10.68 -3.37
N PRO A 246 -7.63 -10.37 -4.09
CA PRO A 246 -7.71 -10.76 -5.50
C PRO A 246 -6.75 -9.98 -6.38
N ASP A 247 -6.85 -8.65 -6.40
CA ASP A 247 -6.16 -7.84 -7.40
C ASP A 247 -4.79 -7.37 -6.94
N HIS A 248 -4.41 -7.74 -5.71
CA HIS A 248 -3.09 -7.44 -5.18
C HIS A 248 -2.55 -8.73 -4.59
N ASN A 249 -1.23 -8.88 -4.66
CA ASN A 249 -0.49 -10.06 -4.23
C ASN A 249 -0.33 -10.15 -2.72
N TRP A 250 -1.30 -9.68 -1.98
CA TRP A 250 -1.20 -9.52 -0.54
C TRP A 250 -2.14 -10.49 0.20
N VAL A 251 -1.87 -10.63 1.51
CA VAL A 251 -2.61 -11.53 2.40
C VAL A 251 -3.15 -10.80 3.64
N LEU A 252 -4.43 -10.99 3.93
CA LEU A 252 -5.04 -10.47 5.14
C LEU A 252 -4.98 -11.54 6.22
N ILE A 253 -4.37 -11.22 7.36
CA ILE A 253 -4.16 -12.16 8.45
C ILE A 253 -4.96 -11.73 9.66
N SER A 254 -5.92 -12.58 10.10
CA SER A 254 -6.60 -12.37 11.38
C SER A 254 -5.97 -13.29 12.42
N VAL A 255 -5.47 -12.71 13.49
CA VAL A 255 -4.72 -13.44 14.50
C VAL A 255 -5.48 -13.37 15.81
N LEU A 256 -5.69 -14.53 16.45
CA LEU A 256 -6.37 -14.60 17.74
C LEU A 256 -5.49 -15.34 18.75
N PRO A 257 -4.87 -14.65 19.69
CA PRO A 257 -4.04 -15.35 20.67
C PRO A 257 -4.92 -16.27 21.49
N ALA A 258 -4.38 -17.42 21.85
CA ALA A 258 -5.13 -18.38 22.65
C ALA A 258 -5.44 -17.82 24.04
N SER A 259 -5.00 -16.59 24.33
CA SER A 259 -5.50 -15.82 25.48
C SER A 259 -6.88 -15.25 25.13
N SER A 260 -7.95 -15.87 25.63
CA SER A 260 -9.28 -15.51 25.16
C SER A 260 -10.36 -15.79 26.19
N ILE A 261 -10.88 -14.70 26.78
CA ILE A 261 -12.23 -14.62 27.37
C ILE A 261 -13.03 -15.91 27.36
#